data_4ICC
#
_entry.id   4ICC
#
_cell.length_a   79.345
_cell.length_b   79.345
_cell.length_c   50.174
_cell.angle_alpha   90.000
_cell.angle_beta   90.000
_cell.angle_gamma   120.000
#
_symmetry.space_group_name_H-M   'P 31'
#
loop_
_entity.id
_entity.type
_entity.pdbx_description
1 polymer 'Aldo-keto reductase family 1 member B10'
2 non-polymer 'NADP NICOTINAMIDE-ADENINE-DINUCLEOTIDE PHOSPHATE'
3 non-polymer "2,2',3,3',5,5',6,6'-octafluorobiphenyl-4,4'-diol"
4 water water
#
_entity_poly.entity_id   1
_entity_poly.type   'polypeptide(L)'
_entity_poly.pdbx_seq_one_letter_code
;MATFVELSTKA(MLZ)MPIVGLGTWKSPLG(MLY)V(MLZ)EAV(MLY)VAIDAGYRHIDCAYVYQNEHEVGEAIQE
(MLZ)IQE(MLY)AVKREDLFIVSKLWPTFFERPLVRKAFE(MLY)TL(MLZ)DLKLSYLDVYLIHWPQGFKSGDDLFPR
DDKGNAIGGKATFLDAWEAMEELVDEGLV(MLZ)ALGVSNFSHFQIEKLLNKPGL(MLZ)YKPVTNQVECHPYLTQEKLI
QYCHS(MLY)GITVTAYSPLGSPDRPWAKPEDPSLLEDP(MLZ)IKEIAAKH(MLY)(MLZ)TAAQVLIRFHIQRNVIVI
P(MLY)SVTPARIVENIQVFDFKLSDEEMATILSFNRNWRACNLLQSSHLEDYPFNAEY
;
_entity_poly.pdbx_strand_id   X
#
loop_
_chem_comp.id
_chem_comp.type
_chem_comp.name
_chem_comp.formula
64I non-polymer 2,2',3,3',5,5',6,6'-octafluorobiphenyl-4,4'-diol 'C12 H2 F8 O2'
NAP non-polymer 'NADP NICOTINAMIDE-ADENINE-DINUCLEOTIDE PHOSPHATE' 'C21 H28 N7 O17 P3'
#
# COMPACT_ATOMS: atom_id res chain seq x y z
N MET A 1 -12.65 16.71 -7.24
CA MET A 1 -11.65 16.19 -6.32
C MET A 1 -11.97 14.75 -5.92
N ALA A 2 -11.19 14.23 -4.98
CA ALA A 2 -11.36 12.87 -4.52
C ALA A 2 -11.52 12.83 -2.99
N THR A 3 -12.29 11.87 -2.50
N THR A 3 -12.29 11.87 -2.49
CA THR A 3 -12.62 11.84 -1.08
CA THR A 3 -12.61 11.82 -1.07
C THR A 3 -11.52 11.16 -0.24
C THR A 3 -11.51 11.17 -0.25
N PHE A 4 -11.72 11.11 1.07
N PHE A 4 -11.72 11.08 1.06
CA PHE A 4 -10.68 10.67 1.99
CA PHE A 4 -10.66 10.66 1.98
C PHE A 4 -11.24 9.70 3.03
C PHE A 4 -11.24 9.71 3.03
N VAL A 5 -10.35 9.05 3.76
CA VAL A 5 -10.75 8.26 4.92
C VAL A 5 -10.03 8.91 6.10
N GLU A 6 -10.78 9.25 7.13
CA GLU A 6 -10.19 9.87 8.31
C GLU A 6 -9.44 8.86 9.18
N LEU A 7 -8.19 9.16 9.52
CA LEU A 7 -7.38 8.29 10.34
C LEU A 7 -7.68 8.54 11.81
N SER A 8 -7.12 7.70 12.68
CA SER A 8 -7.29 7.88 14.13
C SER A 8 -6.61 9.17 14.63
N THR A 9 -5.67 9.67 13.84
CA THR A 9 -4.92 10.87 14.17
C THR A 9 -5.69 12.11 13.71
N LYS A 10 -6.83 11.85 13.06
CA LYS A 10 -7.66 12.85 12.38
C LYS A 10 -7.10 13.35 11.02
N ALA A 11 -5.88 12.95 10.67
CA ALA A 11 -5.34 13.25 9.33
C ALA A 11 -6.25 12.65 8.26
N MLZ A 12 -6.33 13.29 7.10
CA MLZ A 12 -7.20 12.79 6.03
CB MLZ A 12 -7.98 13.95 5.42
CG MLZ A 12 -9.03 14.43 6.43
CD MLZ A 12 -9.86 15.56 5.86
CE MLZ A 12 -9.00 16.81 5.69
NZ MLZ A 12 -9.25 17.77 6.75
CM MLZ A 12 -8.21 18.08 7.71
C MLZ A 12 -6.40 12.10 4.96
O MLZ A 12 -5.58 12.71 4.28
N MET A 13 -6.64 10.80 4.78
CA MET A 13 -5.86 9.99 3.85
C MET A 13 -6.69 9.82 2.58
N PRO A 14 -6.19 10.34 1.44
CA PRO A 14 -6.94 10.28 0.18
C PRO A 14 -7.22 8.85 -0.22
N ILE A 15 -8.46 8.56 -0.58
CA ILE A 15 -8.93 7.18 -0.72
C ILE A 15 -8.45 6.50 -2.01
N VAL A 16 -7.98 7.28 -2.98
CA VAL A 16 -7.27 6.71 -4.13
C VAL A 16 -5.84 7.25 -4.15
N GLY A 17 -4.86 6.36 -4.30
CA GLY A 17 -3.49 6.80 -4.40
C GLY A 17 -2.84 6.11 -5.57
N LEU A 18 -1.62 6.54 -5.92
CA LEU A 18 -0.89 5.95 -7.03
C LEU A 18 0.15 4.97 -6.52
N GLY A 19 0.01 3.72 -6.96
CA GLY A 19 1.02 2.70 -6.70
C GLY A 19 2.27 2.95 -7.56
N THR A 20 3.43 2.54 -7.08
CA THR A 20 4.69 2.74 -7.79
C THR A 20 5.59 1.49 -7.88
N TRP A 21 5.11 0.31 -7.46
CA TRP A 21 5.94 -0.90 -7.57
CA TRP A 21 5.96 -0.89 -7.57
C TRP A 21 6.24 -1.22 -9.04
N LYS A 22 7.51 -1.40 -9.37
CA LYS A 22 7.93 -1.70 -10.74
C LYS A 22 7.62 -0.62 -11.77
N SER A 23 7.33 0.59 -11.30
CA SER A 23 7.27 1.74 -12.20
C SER A 23 8.68 2.15 -12.64
N PRO A 24 8.99 2.00 -13.94
CA PRO A 24 10.41 2.09 -14.31
C PRO A 24 10.95 3.51 -14.24
N LEU A 25 12.27 3.63 -14.01
CA LEU A 25 12.91 4.94 -14.12
C LEU A 25 12.79 5.41 -15.56
N GLY A 26 12.38 6.66 -15.75
CA GLY A 26 12.10 7.14 -17.11
C GLY A 26 10.62 7.16 -17.39
N MLY A 27 9.84 6.49 -16.55
CA MLY A 27 8.38 6.54 -16.65
CB MLY A 27 7.83 5.17 -17.04
CG MLY A 27 8.27 4.69 -18.42
CD MLY A 27 7.68 3.33 -18.68
CE MLY A 27 7.84 2.93 -20.13
NZ MLY A 27 7.33 1.55 -20.29
CH1 MLY A 27 7.03 1.36 -21.70
CH2 MLY A 27 8.46 0.67 -19.94
C MLY A 27 7.73 7.00 -15.35
O MLY A 27 6.67 7.64 -15.38
N VAL A 28 8.32 6.63 -14.21
CA VAL A 28 7.67 6.93 -12.93
C VAL A 28 7.57 8.44 -12.64
N MLZ A 29 8.53 9.22 -13.13
CA MLZ A 29 8.49 10.65 -12.95
CB MLZ A 29 9.78 11.35 -13.38
CG MLZ A 29 9.60 12.87 -13.41
CD MLZ A 29 10.89 13.55 -13.82
CE MLZ A 29 11.30 13.06 -15.21
NZ MLZ A 29 12.74 12.89 -15.33
CM MLZ A 29 13.35 13.04 -16.64
C MLZ A 29 7.29 11.19 -13.69
O MLZ A 29 6.55 11.96 -13.11
N GLU A 30 7.10 10.79 -14.96
CA GLU A 30 5.96 11.31 -15.72
C GLU A 30 4.64 10.80 -15.15
N ALA A 31 4.66 9.58 -14.64
CA ALA A 31 3.48 9.00 -14.01
C ALA A 31 3.02 9.83 -12.80
N VAL A 32 3.96 10.19 -11.93
CA VAL A 32 3.64 11.02 -10.76
C VAL A 32 3.13 12.39 -11.18
N MLY A 33 3.74 12.96 -12.22
CA MLY A 33 3.31 14.27 -12.72
CB MLY A 33 4.32 14.82 -13.75
CG MLY A 33 5.67 15.12 -13.13
CD MLY A 33 6.77 15.28 -14.18
CE MLY A 33 6.44 16.35 -15.23
NZ MLY A 33 7.66 16.75 -16.00
CH1 MLY A 33 8.38 15.53 -16.41
CH2 MLY A 33 7.20 17.39 -17.25
C MLY A 33 1.88 14.24 -13.28
O MLY A 33 1.05 15.07 -12.92
N VAL A 34 1.58 13.23 -14.11
CA VAL A 34 0.25 13.07 -14.65
C VAL A 34 -0.78 12.83 -13.54
N ALA A 35 -0.42 12.04 -12.52
CA ALA A 35 -1.36 11.75 -11.44
C ALA A 35 -1.69 13.00 -10.63
N ILE A 36 -0.67 13.79 -10.29
CA ILE A 36 -0.92 15.02 -9.55
C ILE A 36 -1.83 15.95 -10.38
N ASP A 37 -1.50 16.12 -11.66
CA ASP A 37 -2.34 16.88 -12.57
C ASP A 37 -3.77 16.37 -12.61
N ALA A 38 -3.93 15.05 -12.53
CA ALA A 38 -5.28 14.45 -12.59
C ALA A 38 -6.03 14.48 -11.26
N GLY A 39 -5.40 15.01 -10.22
CA GLY A 39 -6.06 15.10 -8.93
C GLY A 39 -5.61 14.11 -7.85
N TYR A 40 -4.67 13.22 -8.17
CA TYR A 40 -4.15 12.34 -7.12
C TYR A 40 -3.37 13.17 -6.12
N ARG A 41 -3.54 12.86 -4.85
CA ARG A 41 -2.80 13.53 -3.77
C ARG A 41 -2.02 12.52 -2.93
N HIS A 42 -2.34 11.25 -3.11
CA HIS A 42 -1.74 10.18 -2.33
C HIS A 42 -0.84 9.34 -3.27
N ILE A 43 0.42 9.18 -2.88
CA ILE A 43 1.40 8.38 -3.61
C ILE A 43 2.00 7.32 -2.68
N ASP A 44 1.89 6.06 -3.08
CA ASP A 44 2.45 4.95 -2.30
C ASP A 44 3.81 4.55 -2.80
N CYS A 45 4.80 4.61 -1.91
CA CYS A 45 6.21 4.41 -2.23
C CYS A 45 6.81 3.33 -1.36
N ALA A 46 8.04 2.90 -1.68
CA ALA A 46 8.85 2.05 -0.79
C ALA A 46 10.33 2.08 -1.12
N TYR A 47 11.15 1.94 -0.08
CA TYR A 47 12.59 1.74 -0.24
C TYR A 47 12.90 0.63 -1.26
N VAL A 48 12.21 -0.50 -1.14
CA VAL A 48 12.55 -1.67 -1.93
C VAL A 48 12.21 -1.51 -3.42
N TYR A 49 11.45 -0.47 -3.75
CA TYR A 49 11.07 -0.26 -5.15
C TYR A 49 12.22 0.39 -5.92
N GLN A 50 13.12 1.04 -5.18
CA GLN A 50 14.36 1.62 -5.73
C GLN A 50 14.10 2.69 -6.81
N ASN A 51 13.00 3.42 -6.65
CA ASN A 51 12.65 4.48 -7.59
C ASN A 51 12.20 5.72 -6.85
N GLU A 52 12.42 5.74 -5.53
CA GLU A 52 11.99 6.88 -4.73
C GLU A 52 12.67 8.16 -5.18
N HIS A 53 13.90 8.06 -5.69
CA HIS A 53 14.61 9.27 -6.12
C HIS A 53 13.92 9.94 -7.30
N GLU A 54 13.33 9.14 -8.19
CA GLU A 54 12.57 9.70 -9.31
C GLU A 54 11.17 10.20 -8.88
N VAL A 55 10.50 9.49 -7.99
CA VAL A 55 9.26 10.02 -7.40
C VAL A 55 9.52 11.38 -6.74
N GLY A 56 10.63 11.47 -6.01
CA GLY A 56 11.04 12.72 -5.37
C GLY A 56 11.21 13.86 -6.38
N GLU A 57 11.80 13.60 -7.51
CA GLU A 57 11.98 14.56 -8.54
C GLU A 57 10.64 15.11 -8.98
N ALA A 58 9.75 14.20 -9.27
CA ALA A 58 8.45 14.60 -9.79
C ALA A 58 7.65 15.45 -8.80
N ILE A 59 7.60 15.01 -7.54
CA ILE A 59 6.89 15.74 -6.49
C ILE A 59 7.44 17.16 -6.36
N GLN A 60 8.77 17.26 -6.36
CA GLN A 60 9.42 18.57 -6.21
C GLN A 60 9.02 19.49 -7.36
N GLU A 61 9.03 18.93 -8.57
CA GLU A 61 8.65 19.67 -9.78
C GLU A 61 7.25 20.27 -9.64
N MLZ A 62 6.29 19.46 -9.23
CA MLZ A 62 4.90 19.91 -9.15
CB MLZ A 62 3.96 18.74 -8.88
CG MLZ A 62 3.76 17.90 -10.13
CD MLZ A 62 2.74 18.55 -11.07
CE MLZ A 62 3.25 18.45 -12.49
NZ MLZ A 62 2.44 19.16 -13.47
CM MLZ A 62 2.78 18.88 -14.86
C MLZ A 62 4.71 20.93 -8.05
O MLZ A 62 3.91 21.84 -8.19
N ILE A 63 5.44 20.77 -6.94
CA ILE A 63 5.37 21.75 -5.87
C ILE A 63 5.95 23.10 -6.33
N GLN A 64 7.10 23.09 -6.98
N GLN A 64 7.10 23.03 -6.99
CA GLN A 64 7.71 24.36 -7.39
CA GLN A 64 7.79 24.20 -7.53
C GLN A 64 7.02 25.00 -8.60
C GLN A 64 6.93 25.04 -8.45
N GLU A 65 6.07 24.28 -9.20
N GLU A 65 6.13 24.38 -9.27
CA GLU A 65 5.28 24.83 -10.29
CA GLU A 65 5.33 25.08 -10.27
C GLU A 65 3.90 25.25 -9.82
C GLU A 65 3.88 25.28 -9.82
N MLY A 66 3.69 25.24 -8.51
CA MLY A 66 2.42 25.63 -7.87
CB MLY A 66 2.08 27.10 -8.16
CG MLY A 66 3.16 28.11 -7.81
CD MLY A 66 2.56 29.52 -7.73
CE MLY A 66 1.34 29.66 -8.67
NZ MLY A 66 0.13 30.31 -8.07
CH1 MLY A 66 -1.04 29.61 -8.63
CH2 MLY A 66 0.11 30.06 -6.62
C MLY A 66 1.22 24.76 -8.22
O MLY A 66 0.08 25.16 -7.99
N ALA A 67 1.46 23.57 -8.77
CA ALA A 67 0.36 22.67 -9.09
C ALA A 67 -0.24 22.09 -7.81
N VAL A 68 0.57 22.05 -6.75
CA VAL A 68 0.14 21.45 -5.51
C VAL A 68 1.02 21.94 -4.36
N LYS A 69 0.50 21.89 -3.14
CA LYS A 69 1.25 22.26 -1.94
C LYS A 69 1.58 20.99 -1.17
N ARG A 70 2.75 20.96 -0.51
CA ARG A 70 3.15 19.78 0.28
C ARG A 70 2.07 19.28 1.24
N GLU A 71 1.40 20.22 1.92
CA GLU A 71 0.40 19.88 2.92
C GLU A 71 -0.79 19.12 2.33
N ASP A 72 -1.00 19.27 1.03
CA ASP A 72 -2.13 18.63 0.37
C ASP A 72 -1.74 17.28 -0.24
N LEU A 73 -0.46 16.95 -0.18
CA LEU A 73 -0.01 15.65 -0.64
C LEU A 73 0.03 14.69 0.54
N PHE A 74 -0.10 13.40 0.25
CA PHE A 74 -0.11 12.39 1.30
C PHE A 74 0.86 11.32 0.83
N ILE A 75 2.05 11.30 1.44
CA ILE A 75 3.12 10.47 0.90
C ILE A 75 3.44 9.34 1.88
N VAL A 76 3.38 8.11 1.37
CA VAL A 76 3.58 6.93 2.21
C VAL A 76 4.82 6.19 1.75
N SER A 77 5.68 5.78 2.69
CA SER A 77 6.74 4.84 2.35
C SER A 77 6.78 3.67 3.33
N LYS A 78 7.76 2.78 3.15
CA LYS A 78 7.77 1.54 3.92
C LYS A 78 9.19 1.13 4.31
N LEU A 79 9.33 0.59 5.51
CA LEU A 79 10.61 0.08 6.00
C LEU A 79 10.72 -1.38 5.60
N TRP A 80 11.81 -1.74 4.91
CA TRP A 80 12.02 -3.12 4.46
C TRP A 80 12.61 -3.94 5.62
N PRO A 81 12.24 -5.24 5.73
CA PRO A 81 12.63 -6.05 6.91
C PRO A 81 14.08 -6.50 6.97
N THR A 82 14.96 -6.01 6.10
CA THR A 82 16.39 -6.18 6.33
C THR A 82 16.89 -5.03 7.23
N PHE A 83 16.00 -4.09 7.55
CA PHE A 83 16.40 -2.96 8.35
C PHE A 83 15.69 -2.87 9.72
N PHE A 84 15.36 -4.01 10.33
CA PHE A 84 14.61 -3.95 11.59
C PHE A 84 15.52 -3.63 12.79
N GLU A 85 16.83 -3.75 12.61
CA GLU A 85 17.75 -3.34 13.68
C GLU A 85 17.66 -1.84 13.84
N ARG A 86 17.62 -1.39 15.09
CA ARG A 86 17.37 -0.01 15.43
C ARG A 86 18.16 1.01 14.60
N PRO A 87 19.47 0.92 14.58
CA PRO A 87 20.22 1.94 13.83
C PRO A 87 19.97 1.89 12.31
N LEU A 88 19.63 0.72 11.79
CA LEU A 88 19.31 0.60 10.38
C LEU A 88 17.94 1.19 10.06
N VAL A 89 17.02 1.18 11.04
CA VAL A 89 15.72 1.82 10.83
C VAL A 89 15.95 3.27 10.49
N ARG A 90 16.82 3.94 11.24
CA ARG A 90 17.14 5.34 10.98
C ARG A 90 17.81 5.54 9.62
N LYS A 91 18.85 4.77 9.33
CA LYS A 91 19.59 4.86 8.07
C LYS A 91 18.70 4.61 6.85
N ALA A 92 17.85 3.61 6.95
CA ALA A 92 16.93 3.28 5.86
C ALA A 92 15.92 4.42 5.64
N PHE A 93 15.37 4.93 6.74
CA PHE A 93 14.42 6.02 6.63
C PHE A 93 15.10 7.24 6.04
N GLU A 94 16.32 7.53 6.48
CA GLU A 94 16.98 8.73 5.99
C GLU A 94 17.19 8.68 4.48
N MLY A 95 17.52 7.50 3.95
CA MLY A 95 17.69 7.33 2.51
CB MLY A 95 18.35 5.97 2.19
CG MLY A 95 18.18 5.50 0.73
CD MLY A 95 19.36 5.89 -0.14
CE MLY A 95 19.24 5.25 -1.54
NZ MLY A 95 19.33 6.34 -2.58
CH1 MLY A 95 20.63 7.00 -2.40
CH2 MLY A 95 19.33 5.70 -3.90
C MLY A 95 16.36 7.52 1.76
O MLY A 95 16.32 8.21 0.73
N THR A 96 15.28 6.93 2.29
CA THR A 96 13.94 7.15 1.72
C THR A 96 13.57 8.65 1.70
N LEU A 97 13.71 9.32 2.84
CA LEU A 97 13.37 10.73 2.94
C LEU A 97 14.23 11.59 2.00
N MLZ A 98 15.53 11.27 1.88
CA MLZ A 98 16.42 12.08 1.04
CB MLZ A 98 17.89 11.79 1.33
CG MLZ A 98 18.81 12.58 0.41
CD MLZ A 98 20.08 13.07 1.11
CE MLZ A 98 21.07 13.60 0.07
NZ MLZ A 98 22.36 13.97 0.63
CM MLZ A 98 22.52 14.21 2.05
C MLZ A 98 16.11 11.83 -0.43
O MLZ A 98 16.06 12.78 -1.21
N ASP A 99 15.90 10.57 -0.81
CA ASP A 99 15.51 10.23 -2.18
C ASP A 99 14.21 10.95 -2.54
N LEU A 100 13.25 10.96 -1.61
CA LEU A 100 11.95 11.58 -1.91
C LEU A 100 12.00 13.11 -1.84
N LYS A 101 13.12 13.64 -1.35
CA LYS A 101 13.34 15.08 -1.28
C LYS A 101 12.32 15.79 -0.42
N LEU A 102 11.87 15.11 0.63
CA LEU A 102 10.86 15.65 1.51
C LEU A 102 11.42 15.91 2.90
N SER A 103 10.68 16.68 3.68
CA SER A 103 11.07 16.97 5.05
C SER A 103 10.35 16.08 6.06
N TYR A 104 9.27 15.43 5.60
CA TYR A 104 8.53 14.47 6.40
C TYR A 104 7.76 13.55 5.50
N LEU A 105 7.41 12.37 6.03
CA LEU A 105 6.47 11.45 5.40
C LEU A 105 5.12 11.55 6.10
N ASP A 106 4.03 11.38 5.36
CA ASP A 106 2.74 11.32 6.01
C ASP A 106 2.54 10.00 6.76
N VAL A 107 2.87 8.89 6.12
CA VAL A 107 2.82 7.60 6.81
C VAL A 107 4.08 6.77 6.52
N TYR A 108 4.57 6.06 7.54
CA TYR A 108 5.69 5.12 7.37
C TYR A 108 5.25 3.73 7.82
N LEU A 109 5.36 2.75 6.92
CA LEU A 109 4.81 1.42 7.20
C LEU A 109 5.91 0.38 7.42
N ILE A 110 5.67 -0.56 8.34
N ILE A 110 5.64 -0.58 8.29
CA ILE A 110 6.45 -1.79 8.35
CA ILE A 110 6.44 -1.80 8.31
C ILE A 110 6.01 -2.58 7.11
C ILE A 110 6.01 -2.62 7.10
N HIS A 111 6.93 -2.85 6.18
CA HIS A 111 6.55 -3.43 4.86
C HIS A 111 6.01 -4.87 4.94
N TRP A 112 6.63 -5.68 5.80
CA TRP A 112 6.27 -7.08 6.05
C TRP A 112 6.61 -7.37 7.50
N PRO A 113 5.83 -8.24 8.18
CA PRO A 113 6.11 -8.50 9.60
C PRO A 113 7.34 -9.38 9.88
N GLN A 114 7.69 -10.27 8.97
CA GLN A 114 8.81 -11.17 9.21
C GLN A 114 10.16 -10.48 8.95
N GLY A 115 11.11 -10.60 9.88
CA GLY A 115 12.38 -9.92 9.71
C GLY A 115 13.34 -10.74 8.85
N PHE A 116 14.15 -10.06 8.04
CA PHE A 116 15.11 -10.74 7.16
C PHE A 116 16.51 -10.47 7.70
N LYS A 117 17.51 -11.19 7.20
CA LYS A 117 18.90 -10.93 7.61
C LYS A 117 19.22 -9.45 7.42
N SER A 118 19.66 -8.80 8.50
N SER A 118 19.71 -8.82 8.49
CA SER A 118 19.89 -7.36 8.51
CA SER A 118 19.93 -7.39 8.50
C SER A 118 21.02 -6.97 7.57
C SER A 118 21.03 -6.98 7.54
N GLY A 119 20.80 -5.90 6.80
CA GLY A 119 21.82 -5.40 5.90
C GLY A 119 21.27 -4.88 4.58
N ASP A 120 22.19 -4.53 3.70
CA ASP A 120 21.83 -3.94 2.42
C ASP A 120 21.66 -4.93 1.27
N ASP A 121 21.74 -6.23 1.55
CA ASP A 121 21.19 -7.21 0.63
C ASP A 121 19.70 -7.25 0.93
N LEU A 122 18.88 -6.80 -0.03
CA LEU A 122 17.44 -6.70 0.22
C LEU A 122 16.74 -8.05 0.16
N PHE A 123 17.35 -9.00 -0.54
CA PHE A 123 16.74 -10.31 -0.70
C PHE A 123 17.73 -11.41 -0.33
N PRO A 124 18.14 -11.43 0.96
CA PRO A 124 19.06 -12.50 1.37
C PRO A 124 18.33 -13.84 1.26
N ARG A 125 18.93 -14.79 0.58
CA ARG A 125 18.25 -16.05 0.34
C ARG A 125 19.23 -17.23 0.26
N ASP A 126 18.70 -18.43 0.49
CA ASP A 126 19.54 -19.62 0.36
C ASP A 126 19.61 -20.07 -1.09
N ASP A 127 20.16 -21.26 -1.32
CA ASP A 127 20.32 -21.81 -2.67
C ASP A 127 19.01 -22.02 -3.44
N LYS A 128 17.91 -22.23 -2.72
CA LYS A 128 16.61 -22.47 -3.35
C LYS A 128 15.85 -21.16 -3.57
N GLY A 129 16.38 -20.07 -3.03
CA GLY A 129 15.70 -18.79 -3.09
C GLY A 129 14.80 -18.52 -1.89
N ASN A 130 14.88 -19.37 -0.87
CA ASN A 130 14.17 -19.14 0.39
C ASN A 130 14.81 -17.97 1.16
N ALA A 131 13.99 -17.06 1.68
CA ALA A 131 14.48 -15.93 2.47
C ALA A 131 15.30 -16.35 3.70
N ILE A 132 16.39 -15.64 3.99
CA ILE A 132 17.12 -15.86 5.23
C ILE A 132 16.63 -14.87 6.30
N GLY A 133 16.26 -15.38 7.47
CA GLY A 133 15.67 -14.56 8.51
C GLY A 133 16.70 -13.75 9.30
N GLY A 134 16.23 -12.75 10.02
CA GLY A 134 17.04 -12.04 11.00
C GLY A 134 16.35 -12.12 12.35
N LYS A 135 17.09 -11.86 13.42
CA LYS A 135 16.50 -11.97 14.76
C LYS A 135 15.74 -10.72 15.20
N ALA A 136 16.01 -9.57 14.57
CA ALA A 136 15.26 -8.36 14.92
C ALA A 136 13.82 -8.52 14.45
N THR A 137 12.87 -8.08 15.27
CA THR A 137 11.44 -8.32 15.02
C THR A 137 10.70 -7.05 14.62
N PHE A 138 9.46 -7.17 14.17
CA PHE A 138 8.71 -5.96 13.84
C PHE A 138 8.46 -5.06 15.05
N LEU A 139 8.49 -5.64 16.26
CA LEU A 139 8.39 -4.82 17.47
C LEU A 139 9.63 -3.97 17.70
N ASP A 140 10.81 -4.53 17.42
CA ASP A 140 12.05 -3.76 17.49
C ASP A 140 11.97 -2.63 16.50
N ALA A 141 11.52 -2.94 15.29
CA ALA A 141 11.39 -1.95 14.23
C ALA A 141 10.47 -0.82 14.70
N TRP A 142 9.31 -1.20 15.24
CA TRP A 142 8.28 -0.22 15.59
C TRP A 142 8.84 0.75 16.61
N GLU A 143 9.52 0.19 17.61
CA GLU A 143 10.21 0.97 18.64
C GLU A 143 11.06 2.10 18.04
N ALA A 144 11.88 1.76 17.05
CA ALA A 144 12.73 2.76 16.42
C ALA A 144 11.94 3.74 15.54
N MET A 145 10.91 3.22 14.87
CA MET A 145 10.07 4.08 14.04
C MET A 145 9.33 5.13 14.86
N GLU A 146 8.96 4.78 16.09
CA GLU A 146 8.26 5.73 16.96
C GLU A 146 9.07 7.01 17.23
N GLU A 147 10.39 6.94 17.18
N GLU A 147 10.40 6.92 17.20
CA GLU A 147 11.25 8.12 17.34
CA GLU A 147 11.26 8.11 17.34
C GLU A 147 11.01 9.11 16.22
C GLU A 147 11.05 9.10 16.21
N LEU A 148 10.82 8.58 15.02
CA LEU A 148 10.60 9.41 13.84
C LEU A 148 9.34 10.26 14.01
N VAL A 149 8.32 9.69 14.68
CA VAL A 149 7.08 10.41 14.96
C VAL A 149 7.32 11.43 16.07
N ASP A 150 8.05 11.04 17.11
CA ASP A 150 8.44 12.00 18.15
C ASP A 150 9.10 13.23 17.54
N GLU A 151 9.93 13.00 16.52
CA GLU A 151 10.73 14.06 15.91
C GLU A 151 10.04 14.81 14.78
N GLY A 152 8.79 14.44 14.47
CA GLY A 152 8.03 15.10 13.43
C GLY A 152 8.45 14.79 12.01
N LEU A 153 9.29 13.77 11.86
CA LEU A 153 9.74 13.35 10.54
C LEU A 153 8.69 12.46 9.86
N VAL A 154 7.82 11.85 10.64
CA VAL A 154 6.71 11.04 10.13
C VAL A 154 5.46 11.35 10.93
N MLZ A 155 4.33 11.56 10.25
CA MLZ A 155 3.12 11.98 10.94
CB MLZ A 155 2.17 12.75 10.01
CG MLZ A 155 2.87 13.89 9.29
CD MLZ A 155 2.98 15.12 10.19
CE MLZ A 155 3.92 16.19 9.62
NZ MLZ A 155 4.16 17.28 10.54
CM MLZ A 155 5.36 17.28 11.36
C MLZ A 155 2.44 10.79 11.60
O MLZ A 155 1.86 10.95 12.67
N ALA A 156 2.47 9.63 10.97
CA ALA A 156 1.85 8.44 11.54
C ALA A 156 2.52 7.16 11.04
N LEU A 157 2.37 6.10 11.82
CA LEU A 157 2.97 4.81 11.48
C LEU A 157 1.84 3.88 11.05
N GLY A 158 2.19 2.85 10.26
CA GLY A 158 1.25 1.78 9.99
C GLY A 158 1.97 0.48 9.69
N VAL A 159 1.20 -0.53 9.32
CA VAL A 159 1.77 -1.83 9.00
C VAL A 159 1.28 -2.29 7.63
N SER A 160 1.91 -3.33 7.10
CA SER A 160 1.55 -3.88 5.81
C SER A 160 1.78 -5.39 5.88
N ASN A 161 0.84 -6.13 5.31
CA ASN A 161 0.84 -7.59 5.31
C ASN A 161 0.83 -8.19 6.70
N PHE A 162 0.12 -7.54 7.63
CA PHE A 162 -0.03 -8.05 8.98
C PHE A 162 -1.35 -8.79 9.07
N SER A 163 -1.32 -9.92 9.76
CA SER A 163 -2.56 -10.60 10.14
C SER A 163 -3.10 -9.96 11.41
N HIS A 164 -4.33 -10.31 11.78
CA HIS A 164 -4.91 -9.76 13.01
C HIS A 164 -4.13 -10.19 14.26
N PHE A 165 -3.49 -11.36 14.21
CA PHE A 165 -2.67 -11.78 15.36
C PHE A 165 -1.49 -10.85 15.56
N GLN A 166 -0.87 -10.44 14.46
CA GLN A 166 0.30 -9.57 14.54
C GLN A 166 -0.07 -8.15 14.93
N ILE A 167 -1.25 -7.71 14.50
CA ILE A 167 -1.75 -6.40 14.91
C ILE A 167 -2.08 -6.44 16.40
N GLU A 168 -2.70 -7.54 16.87
CA GLU A 168 -2.92 -7.71 18.30
C GLU A 168 -1.62 -7.66 19.10
N LYS A 169 -0.58 -8.31 18.59
CA LYS A 169 0.71 -8.30 19.28
C LYS A 169 1.21 -6.87 19.39
N LEU A 170 0.97 -6.08 18.35
CA LEU A 170 1.41 -4.69 18.33
C LEU A 170 0.59 -3.85 19.30
N LEU A 171 -0.73 -3.91 19.18
CA LEU A 171 -1.60 -3.12 20.04
C LEU A 171 -1.44 -3.48 21.52
N ASN A 172 -1.14 -4.75 21.79
CA ASN A 172 -1.07 -5.22 23.18
C ASN A 172 0.33 -5.13 23.80
N LYS A 173 1.28 -4.58 23.06
CA LYS A 173 2.63 -4.40 23.60
C LYS A 173 2.62 -3.31 24.68
N PRO A 174 3.03 -3.64 25.90
CA PRO A 174 3.05 -2.57 26.91
C PRO A 174 4.08 -1.50 26.58
N GLY A 175 3.71 -0.24 26.77
CA GLY A 175 4.64 0.85 26.55
C GLY A 175 4.61 1.36 25.13
N LEU A 176 3.62 0.92 24.36
CA LEU A 176 3.41 1.41 23.00
C LEU A 176 3.13 2.93 22.99
N MLZ A 177 3.79 3.67 22.11
CA MLZ A 177 3.61 5.11 22.03
CB MLZ A 177 4.94 5.68 21.58
CG MLZ A 177 5.38 6.99 22.24
CD MLZ A 177 6.71 7.46 21.65
CE MLZ A 177 7.93 6.74 22.26
NZ MLZ A 177 9.08 7.63 22.32
CM MLZ A 177 10.37 7.14 22.76
C MLZ A 177 2.54 5.43 21.00
O MLZ A 177 1.61 6.21 21.22
N TYR A 178 2.70 4.82 19.83
CA TYR A 178 1.86 5.15 18.69
C TYR A 178 1.15 3.90 18.15
N LYS A 179 -0.06 4.10 17.64
CA LYS A 179 -0.81 2.98 17.11
C LYS A 179 -0.78 3.05 15.58
N PRO A 180 -0.82 1.88 14.91
CA PRO A 180 -0.84 1.91 13.44
C PRO A 180 -2.13 2.56 12.91
N VAL A 181 -2.01 3.39 11.88
CA VAL A 181 -3.19 4.05 11.34
C VAL A 181 -3.80 3.27 10.16
N THR A 182 -3.03 2.35 9.59
CA THR A 182 -3.52 1.59 8.43
C THR A 182 -2.81 0.26 8.38
N ASN A 183 -3.45 -0.72 7.73
CA ASN A 183 -2.84 -1.99 7.41
C ASN A 183 -3.00 -2.14 5.91
N GLN A 184 -1.87 -2.08 5.20
CA GLN A 184 -1.89 -2.17 3.75
C GLN A 184 -1.71 -3.62 3.31
N VAL A 185 -2.76 -4.19 2.71
CA VAL A 185 -2.77 -5.61 2.37
C VAL A 185 -3.39 -5.79 1.00
N GLU A 186 -3.17 -6.96 0.41
CA GLU A 186 -3.77 -7.24 -0.87
C GLU A 186 -5.29 -7.31 -0.68
N CYS A 187 -6.05 -6.73 -1.60
CA CYS A 187 -7.49 -6.83 -1.48
C CYS A 187 -8.13 -6.57 -2.83
N HIS A 188 -9.07 -7.44 -3.19
CA HIS A 188 -9.80 -7.34 -4.44
C HIS A 188 -10.90 -8.40 -4.42
N PRO A 189 -11.70 -8.51 -5.50
CA PRO A 189 -12.83 -9.44 -5.37
C PRO A 189 -12.46 -10.94 -5.22
N TYR A 190 -11.21 -11.31 -5.49
CA TYR A 190 -10.80 -12.70 -5.28
C TYR A 190 -10.24 -12.92 -3.87
N LEU A 191 -9.98 -11.83 -3.15
CA LEU A 191 -9.42 -11.86 -1.79
C LEU A 191 -10.04 -10.68 -1.04
N THR A 192 -11.27 -10.86 -0.58
N THR A 192 -11.25 -10.88 -0.57
CA THR A 192 -12.08 -9.74 -0.12
CA THR A 192 -12.05 -9.75 -0.14
C THR A 192 -11.75 -9.29 1.30
C THR A 192 -11.78 -9.31 1.30
N GLN A 193 -10.99 -10.11 2.02
CA GLN A 193 -10.50 -9.74 3.35
C GLN A 193 -11.59 -9.34 4.34
N GLU A 194 -12.72 -10.04 4.35
CA GLU A 194 -13.83 -9.57 5.17
C GLU A 194 -13.49 -9.55 6.66
N LYS A 195 -12.84 -10.61 7.15
CA LYS A 195 -12.58 -10.71 8.59
C LYS A 195 -11.49 -9.75 9.01
N LEU A 196 -10.49 -9.59 8.16
CA LEU A 196 -9.39 -8.68 8.50
C LEU A 196 -9.84 -7.23 8.44
N ILE A 197 -10.66 -6.87 7.46
CA ILE A 197 -11.18 -5.49 7.40
C ILE A 197 -12.06 -5.21 8.64
N GLN A 198 -12.90 -6.17 9.00
N GLN A 198 -12.90 -6.19 8.98
CA GLN A 198 -13.76 -6.01 10.16
CA GLN A 198 -13.76 -6.12 10.15
C GLN A 198 -12.92 -5.82 11.42
C GLN A 198 -12.93 -5.83 11.38
N TYR A 199 -11.86 -6.62 11.54
CA TYR A 199 -10.96 -6.48 12.69
C TYR A 199 -10.32 -5.08 12.71
N CYS A 200 -9.67 -4.70 11.62
CA CYS A 200 -8.94 -3.44 11.60
C CYS A 200 -9.87 -2.26 11.91
N HIS A 201 -11.01 -2.23 11.24
CA HIS A 201 -11.98 -1.16 11.49
C HIS A 201 -12.43 -1.09 12.94
N SER A 202 -12.58 -2.24 13.60
CA SER A 202 -12.98 -2.27 15.01
C SER A 202 -11.89 -1.72 15.95
N MLY A 203 -10.68 -1.57 15.43
CA MLY A 203 -9.55 -1.09 16.24
CB MLY A 203 -8.33 -2.02 16.12
CG MLY A 203 -8.52 -3.47 16.59
CD MLY A 203 -9.24 -3.60 17.94
CE MLY A 203 -9.32 -5.08 18.34
NZ MLY A 203 -10.19 -5.46 19.53
CH1 MLY A 203 -9.42 -5.23 20.75
CH2 MLY A 203 -11.35 -4.57 19.54
C MLY A 203 -9.12 0.32 15.84
O MLY A 203 -8.13 0.84 16.36
N GLY A 204 -9.86 0.94 14.92
CA GLY A 204 -9.56 2.29 14.50
C GLY A 204 -8.43 2.31 13.49
N ILE A 205 -8.25 1.18 12.83
CA ILE A 205 -7.19 1.00 11.84
C ILE A 205 -7.84 0.91 10.45
N THR A 206 -7.45 1.80 9.53
CA THR A 206 -7.96 1.73 8.16
C THR A 206 -7.23 0.62 7.40
N VAL A 207 -7.78 0.25 6.24
CA VAL A 207 -7.16 -0.72 5.35
C VAL A 207 -6.81 -0.03 4.04
N THR A 208 -5.61 -0.30 3.53
CA THR A 208 -5.21 0.16 2.21
C THR A 208 -5.08 -1.07 1.32
N ALA A 209 -5.87 -1.08 0.25
CA ALA A 209 -5.92 -2.23 -0.65
C ALA A 209 -4.84 -2.16 -1.72
N TYR A 210 -3.92 -3.11 -1.70
CA TYR A 210 -2.92 -3.17 -2.75
C TYR A 210 -3.28 -4.23 -3.81
N SER A 211 -2.59 -4.15 -4.95
CA SER A 211 -2.90 -5.00 -6.11
C SER A 211 -4.40 -5.07 -6.42
N PRO A 212 -5.07 -3.91 -6.49
CA PRO A 212 -6.52 -3.99 -6.63
C PRO A 212 -6.93 -4.48 -8.02
N LEU A 213 -6.04 -4.46 -9.01
CA LEU A 213 -6.42 -4.95 -10.33
C LEU A 213 -5.92 -6.37 -10.52
N GLY A 214 -5.40 -6.94 -9.43
CA GLY A 214 -4.91 -8.31 -9.45
C GLY A 214 -3.52 -8.38 -10.03
N SER A 215 -2.83 -7.25 -10.03
CA SER A 215 -1.44 -7.14 -10.49
C SER A 215 -1.17 -7.93 -11.78
N PRO A 216 -1.82 -7.54 -12.88
CA PRO A 216 -1.75 -8.37 -14.10
C PRO A 216 -0.35 -8.54 -14.73
N ASP A 217 0.63 -7.73 -14.34
CA ASP A 217 1.96 -7.89 -14.94
C ASP A 217 2.98 -8.52 -14.00
N ARG A 218 2.53 -9.03 -12.85
CA ARG A 218 3.41 -9.76 -11.96
C ARG A 218 4.09 -10.85 -12.78
N PRO A 219 5.43 -10.91 -12.70
CA PRO A 219 6.25 -11.71 -13.63
C PRO A 219 6.05 -13.20 -13.41
N TRP A 220 5.30 -13.53 -12.37
CA TRP A 220 5.15 -14.91 -11.94
C TRP A 220 3.74 -15.44 -12.25
N ALA A 221 3.01 -14.64 -13.01
CA ALA A 221 1.66 -14.97 -13.47
C ALA A 221 1.62 -16.21 -14.36
N LYS A 222 0.76 -17.17 -13.99
CA LYS A 222 0.52 -18.36 -14.81
C LYS A 222 -0.79 -18.17 -15.56
N PRO A 223 -0.84 -18.59 -16.83
CA PRO A 223 -2.05 -18.36 -17.64
C PRO A 223 -3.33 -18.94 -17.04
N GLU A 224 -3.20 -19.91 -16.12
CA GLU A 224 -4.37 -20.44 -15.43
C GLU A 224 -4.76 -19.62 -14.20
N ASP A 225 -3.86 -18.75 -13.74
CA ASP A 225 -4.18 -17.80 -12.68
C ASP A 225 -5.40 -16.98 -13.07
N PRO A 226 -6.24 -16.62 -12.08
CA PRO A 226 -7.40 -15.80 -12.39
C PRO A 226 -7.02 -14.38 -12.82
N SER A 227 -7.81 -13.80 -13.72
N SER A 227 -7.79 -13.81 -13.75
CA SER A 227 -7.57 -12.45 -14.20
CA SER A 227 -7.57 -12.45 -14.21
C SER A 227 -8.79 -11.56 -13.96
C SER A 227 -8.81 -11.59 -13.93
N LEU A 228 -8.70 -10.67 -12.97
CA LEU A 228 -9.83 -9.79 -12.64
C LEU A 228 -10.28 -8.90 -13.78
N LEU A 229 -9.32 -8.40 -14.56
CA LEU A 229 -9.66 -7.44 -15.59
C LEU A 229 -10.41 -8.11 -16.71
N GLU A 230 -10.18 -9.40 -16.89
CA GLU A 230 -10.83 -10.09 -17.99
C GLU A 230 -12.03 -10.91 -17.51
N ASP A 231 -12.34 -10.83 -16.22
CA ASP A 231 -13.44 -11.60 -15.62
C ASP A 231 -14.79 -11.12 -16.17
N PRO A 232 -15.54 -12.00 -16.84
CA PRO A 232 -16.80 -11.59 -17.50
C PRO A 232 -17.81 -11.01 -16.50
N MLZ A 233 -17.81 -11.52 -15.30
CA MLZ A 233 -18.72 -11.03 -14.30
CB MLZ A 233 -18.86 -11.99 -13.18
CG MLZ A 233 -19.78 -13.15 -13.47
CD MLZ A 233 -20.13 -13.93 -12.23
CE MLZ A 233 -21.61 -13.81 -11.84
NZ MLZ A 233 -22.28 -12.54 -11.92
CM MLZ A 233 -23.35 -12.26 -11.04
C MLZ A 233 -18.34 -9.67 -13.75
O MLZ A 233 -19.16 -8.93 -13.36
N ILE A 234 -17.08 -9.37 -13.69
CA ILE A 234 -16.65 -8.02 -13.34
C ILE A 234 -17.00 -7.11 -14.51
N LYS A 235 -16.71 -7.57 -15.72
CA LYS A 235 -16.93 -6.78 -16.94
C LYS A 235 -18.41 -6.46 -17.15
N GLU A 236 -19.28 -7.36 -16.70
CA GLU A 236 -20.72 -7.18 -16.78
C GLU A 236 -21.15 -5.94 -15.99
N ILE A 237 -20.64 -5.83 -14.76
CA ILE A 237 -20.95 -4.71 -13.90
C ILE A 237 -20.38 -3.40 -14.46
N ALA A 238 -19.17 -3.48 -15.03
CA ALA A 238 -18.57 -2.32 -15.68
C ALA A 238 -19.51 -1.82 -16.78
N ALA A 239 -19.91 -2.74 -17.66
CA ALA A 239 -20.79 -2.40 -18.78
C ALA A 239 -22.06 -1.70 -18.30
N LYS A 240 -22.63 -2.17 -17.20
CA LYS A 240 -23.88 -1.63 -16.67
C LYS A 240 -23.75 -0.13 -16.38
N HIS A 241 -22.53 0.30 -16.07
CA HIS A 241 -22.27 1.70 -15.76
C HIS A 241 -21.57 2.47 -16.85
N MLY A 242 -21.33 1.80 -17.98
CA MLY A 242 -20.46 2.31 -19.06
CB MLY A 242 -21.15 3.42 -19.87
CG MLY A 242 -22.48 2.99 -20.51
CD MLY A 242 -23.08 4.12 -21.34
CE MLY A 242 -24.55 3.84 -21.66
NZ MLY A 242 -24.86 3.76 -23.12
CH1 MLY A 242 -26.13 3.04 -23.26
CH2 MLY A 242 -23.82 2.99 -23.81
C MLY A 242 -19.11 2.78 -18.51
O MLY A 242 -18.63 3.86 -18.85
N MLZ A 243 -18.55 1.95 -17.64
CA MLZ A 243 -17.23 2.17 -17.06
CB MLZ A 243 -17.39 2.23 -15.53
CG MLZ A 243 -18.09 3.52 -15.12
CD MLZ A 243 -17.14 4.71 -15.36
CE MLZ A 243 -17.71 6.05 -14.93
NZ MLZ A 243 -16.66 7.01 -14.64
CM MLZ A 243 -15.90 7.63 -15.71
C MLZ A 243 -16.33 1.01 -17.40
O MLZ A 243 -16.78 0.03 -17.99
N THR A 244 -15.06 1.09 -17.03
CA THR A 244 -14.14 -0.02 -17.33
C THR A 244 -14.12 -0.97 -16.16
N ALA A 245 -13.59 -2.17 -16.41
CA ALA A 245 -13.41 -3.14 -15.33
C ALA A 245 -12.57 -2.56 -14.21
N ALA A 246 -11.48 -1.89 -14.59
CA ALA A 246 -10.57 -1.33 -13.61
C ALA A 246 -11.28 -0.32 -12.69
N GLN A 247 -12.16 0.48 -13.28
CA GLN A 247 -12.92 1.47 -12.52
C GLN A 247 -13.86 0.82 -11.51
N VAL A 248 -14.48 -0.30 -11.87
CA VAL A 248 -15.28 -1.06 -10.93
C VAL A 248 -14.45 -1.63 -9.78
N LEU A 249 -13.29 -2.18 -10.12
CA LEU A 249 -12.41 -2.80 -9.15
C LEU A 249 -11.88 -1.79 -8.14
N ILE A 250 -11.69 -0.57 -8.60
CA ILE A 250 -11.28 0.54 -7.71
C ILE A 250 -12.46 1.05 -6.87
N ARG A 251 -13.60 1.31 -7.53
CA ARG A 251 -14.81 1.78 -6.83
C ARG A 251 -15.26 0.80 -5.73
N PHE A 252 -15.04 -0.50 -5.96
CA PHE A 252 -15.36 -1.55 -4.97
C PHE A 252 -14.81 -1.19 -3.58
N HIS A 253 -13.53 -0.84 -3.52
CA HIS A 253 -12.93 -0.48 -2.24
C HIS A 253 -13.45 0.85 -1.64
N ILE A 254 -13.62 1.86 -2.49
CA ILE A 254 -14.15 3.14 -2.03
C ILE A 254 -15.47 2.91 -1.30
N GLN A 255 -16.30 2.01 -1.83
CA GLN A 255 -17.61 1.82 -1.19
C GLN A 255 -17.56 1.03 0.12
N ARG A 256 -16.39 0.49 0.44
CA ARG A 256 -16.21 -0.23 1.68
C ARG A 256 -15.40 0.64 2.65
N ASN A 257 -15.20 1.90 2.27
CA ASN A 257 -14.32 2.85 2.98
C ASN A 257 -12.87 2.35 3.13
N VAL A 258 -12.39 1.70 2.08
CA VAL A 258 -11.02 1.16 2.07
C VAL A 258 -10.22 1.91 1.03
N ILE A 259 -9.04 2.37 1.45
CA ILE A 259 -8.16 3.14 0.57
C ILE A 259 -7.59 2.19 -0.47
N VAL A 260 -7.34 2.69 -1.67
CA VAL A 260 -6.92 1.79 -2.75
C VAL A 260 -5.86 2.46 -3.62
N ILE A 261 -4.83 1.68 -3.99
CA ILE A 261 -3.65 2.27 -4.61
C ILE A 261 -3.23 1.62 -5.94
N PRO A 262 -4.09 1.74 -6.96
CA PRO A 262 -3.73 1.10 -8.23
C PRO A 262 -2.44 1.71 -8.83
N MLY A 263 -1.59 0.85 -9.40
CA MLY A 263 -0.36 1.30 -10.03
CB MLY A 263 0.79 0.34 -9.70
CG MLY A 263 2.13 0.61 -10.45
CD MLY A 263 2.26 -0.24 -11.74
CE MLY A 263 3.53 0.09 -12.54
NZ MLY A 263 3.53 -0.71 -13.81
CH1 MLY A 263 4.70 -0.32 -14.63
CH2 MLY A 263 3.73 -2.13 -13.49
C MLY A 263 -0.51 1.44 -11.55
O MLY A 263 -0.98 0.52 -12.23
N SER A 264 -0.06 2.56 -12.10
CA SER A 264 0.14 2.66 -13.54
C SER A 264 1.18 3.68 -13.88
N VAL A 265 1.83 3.49 -15.04
CA VAL A 265 2.71 4.52 -15.59
C VAL A 265 2.15 5.02 -16.93
N THR A 266 0.94 4.58 -17.27
CA THR A 266 0.31 4.92 -18.55
C THR A 266 -0.61 6.11 -18.32
N PRO A 267 -0.33 7.28 -18.93
CA PRO A 267 -1.17 8.44 -18.58
C PRO A 267 -2.67 8.19 -18.72
N ALA A 268 -3.12 7.59 -19.83
CA ALA A 268 -4.57 7.34 -19.96
C ALA A 268 -5.15 6.52 -18.80
N ARG A 269 -4.40 5.52 -18.33
CA ARG A 269 -4.88 4.65 -17.26
C ARG A 269 -4.83 5.36 -15.93
N ILE A 270 -3.78 6.17 -15.73
CA ILE A 270 -3.67 6.94 -14.50
C ILE A 270 -4.92 7.80 -14.35
N VAL A 271 -5.30 8.50 -15.42
CA VAL A 271 -6.52 9.29 -15.42
C VAL A 271 -7.78 8.43 -15.22
N GLU A 272 -7.88 7.33 -15.97
CA GLU A 272 -9.03 6.43 -15.87
C GLU A 272 -9.23 5.94 -14.44
N ASN A 273 -8.13 5.62 -13.77
CA ASN A 273 -8.21 5.03 -12.44
C ASN A 273 -8.73 5.96 -11.35
N ILE A 274 -8.73 7.27 -11.60
CA ILE A 274 -9.28 8.20 -10.62
C ILE A 274 -10.64 8.77 -11.04
N GLN A 275 -11.13 8.37 -12.22
N GLN A 275 -11.14 8.38 -12.21
CA GLN A 275 -12.50 8.69 -12.64
CA GLN A 275 -12.49 8.75 -12.61
C GLN A 275 -13.49 7.72 -12.01
C GLN A 275 -13.50 7.76 -12.03
N VAL A 276 -13.58 7.74 -10.69
CA VAL A 276 -14.40 6.78 -9.95
C VAL A 276 -15.28 7.46 -8.92
N PHE A 277 -15.55 8.75 -9.12
CA PHE A 277 -16.36 9.49 -8.16
C PHE A 277 -17.65 10.01 -8.80
N ASP A 278 -18.01 9.44 -9.95
CA ASP A 278 -19.22 9.85 -10.67
C ASP A 278 -20.14 8.67 -11.01
N PHE A 279 -20.00 7.57 -10.29
CA PHE A 279 -20.94 6.45 -10.37
C PHE A 279 -20.94 5.68 -9.05
N LYS A 280 -21.96 4.84 -8.87
CA LYS A 280 -22.08 4.10 -7.64
C LYS A 280 -22.50 2.67 -7.94
N LEU A 281 -21.80 1.72 -7.33
CA LEU A 281 -22.16 0.32 -7.43
C LEU A 281 -23.31 0.10 -6.46
N SER A 282 -24.35 -0.58 -6.92
CA SER A 282 -25.54 -0.76 -6.10
C SER A 282 -25.28 -1.81 -5.04
N ASP A 283 -26.17 -1.89 -4.06
CA ASP A 283 -26.02 -2.89 -3.01
C ASP A 283 -25.93 -4.30 -3.59
N GLU A 284 -26.74 -4.59 -4.60
CA GLU A 284 -26.72 -5.93 -5.21
C GLU A 284 -25.43 -6.20 -5.97
N GLU A 285 -24.86 -5.16 -6.59
CA GLU A 285 -23.61 -5.29 -7.31
C GLU A 285 -22.45 -5.51 -6.35
N MET A 286 -22.48 -4.78 -5.22
CA MET A 286 -21.46 -4.95 -4.18
C MET A 286 -21.52 -6.38 -3.62
N ALA A 287 -22.73 -6.86 -3.42
CA ALA A 287 -22.95 -8.22 -2.92
C ALA A 287 -22.44 -9.27 -3.89
N THR A 288 -22.75 -9.09 -5.17
CA THR A 288 -22.25 -9.98 -6.22
C THR A 288 -20.73 -9.99 -6.23
N ILE A 289 -20.12 -8.80 -6.20
CA ILE A 289 -18.65 -8.71 -6.24
C ILE A 289 -18.02 -9.41 -5.03
N LEU A 290 -18.58 -9.20 -3.84
CA LEU A 290 -18.09 -9.85 -2.63
C LEU A 290 -18.17 -11.38 -2.71
N SER A 291 -19.18 -11.87 -3.42
CA SER A 291 -19.36 -13.31 -3.58
C SER A 291 -18.24 -13.96 -4.40
N PHE A 292 -17.42 -13.15 -5.07
CA PHE A 292 -16.32 -13.67 -5.91
C PHE A 292 -15.11 -14.11 -5.08
N ASN A 293 -15.12 -13.90 -3.77
CA ASN A 293 -13.98 -14.31 -2.94
C ASN A 293 -13.46 -15.75 -3.16
N ARG A 294 -12.16 -15.86 -3.37
CA ARG A 294 -11.52 -17.15 -3.63
C ARG A 294 -10.40 -17.41 -2.63
N ASN A 295 -10.19 -16.46 -1.72
CA ASN A 295 -8.99 -16.39 -0.89
C ASN A 295 -7.72 -16.59 -1.72
N TRP A 296 -7.69 -15.96 -2.89
CA TRP A 296 -6.56 -16.04 -3.80
C TRP A 296 -5.62 -14.82 -3.70
N ARG A 297 -4.32 -15.08 -3.55
CA ARG A 297 -3.30 -14.01 -3.47
C ARG A 297 -2.42 -13.94 -4.71
N ALA A 298 -2.30 -12.75 -5.29
CA ALA A 298 -1.26 -12.50 -6.29
C ALA A 298 0.10 -12.46 -5.59
N CYS A 299 0.08 -12.05 -4.32
CA CYS A 299 1.29 -11.85 -3.55
C CYS A 299 1.35 -12.81 -2.36
N ASN A 300 1.86 -14.01 -2.63
CA ASN A 300 2.02 -15.05 -1.61
C ASN A 300 3.32 -14.98 -0.82
N LEU A 301 4.36 -14.43 -1.46
CA LEU A 301 5.72 -14.42 -0.89
C LEU A 301 6.08 -15.78 -0.27
N LEU A 302 5.80 -16.86 -1.00
CA LEU A 302 6.02 -18.21 -0.48
C LEU A 302 7.47 -18.47 -0.05
N GLN A 303 8.41 -17.72 -0.61
CA GLN A 303 9.80 -17.95 -0.28
C GLN A 303 10.16 -17.50 1.13
N SER A 304 9.19 -16.92 1.84
CA SER A 304 9.40 -16.55 3.24
C SER A 304 8.48 -17.33 4.19
N SER A 305 7.80 -18.35 3.68
CA SER A 305 6.75 -19.04 4.44
C SER A 305 7.23 -19.84 5.65
N HIS A 306 8.53 -20.11 5.72
CA HIS A 306 9.11 -20.87 6.83
C HIS A 306 9.48 -19.95 7.99
N LEU A 307 9.44 -18.64 7.75
CA LEU A 307 9.84 -17.67 8.76
C LEU A 307 8.78 -17.54 9.86
N GLU A 308 9.24 -17.24 11.08
CA GLU A 308 8.36 -17.18 12.25
C GLU A 308 7.16 -16.25 12.10
N ASP A 309 7.37 -15.07 11.55
CA ASP A 309 6.26 -14.12 11.44
C ASP A 309 5.64 -14.00 10.04
N TYR A 310 5.83 -15.03 9.21
CA TYR A 310 5.11 -15.11 7.94
C TYR A 310 3.60 -14.94 8.19
N PRO A 311 2.97 -13.97 7.52
CA PRO A 311 1.60 -13.58 7.93
C PRO A 311 0.46 -14.42 7.38
N PHE A 312 0.68 -15.24 6.37
CA PHE A 312 -0.47 -15.81 5.66
C PHE A 312 -0.89 -17.22 6.12
N ASN A 313 -0.28 -17.74 7.18
CA ASN A 313 -0.70 -19.01 7.79
C ASN A 313 -2.05 -18.88 8.51
N ALA A 314 -2.23 -17.75 9.19
CA ALA A 314 -3.43 -17.48 9.95
C ALA A 314 -4.62 -17.32 9.03
N GLU A 315 -5.82 -17.59 9.54
CA GLU A 315 -7.05 -17.43 8.78
C GLU A 315 -7.25 -15.98 8.36
N TYR A 316 -6.99 -15.05 9.28
CA TYR A 316 -7.00 -13.62 8.98
C TYR A 316 -6.11 -12.88 9.97
PA NAP B . -2.21 -3.43 -9.62
O1A NAP B . -3.32 -4.36 -9.22
O2A NAP B . -2.26 -1.96 -9.28
O5B NAP B . -1.98 -3.55 -11.20
C5B NAP B . -0.94 -2.86 -11.89
C4B NAP B . -0.90 -3.37 -13.34
O4B NAP B . -2.16 -3.12 -13.98
C3B NAP B . 0.18 -2.69 -14.16
O3B NAP B . 0.75 -3.65 -15.08
C2B NAP B . -0.60 -1.63 -14.89
O2B NAP B . -0.04 -1.36 -16.18
C1B NAP B . -1.98 -2.23 -15.09
N9A NAP B . -3.08 -1.23 -15.11
C8A NAP B . -3.17 -0.13 -14.34
N7A NAP B . -4.33 0.50 -14.63
C5A NAP B . -4.97 -0.21 -15.58
C6A NAP B . -6.17 -0.03 -16.26
N6A NAP B . -6.98 1.02 -16.00
N1A NAP B . -6.54 -0.94 -17.19
C2A NAP B . -5.75 -2.00 -17.44
N3A NAP B . -4.57 -2.20 -16.82
C4A NAP B . -4.17 -1.30 -15.88
O3 NAP B . -0.84 -4.13 -9.09
PN NAP B . 0.31 -3.71 -8.03
O1N NAP B . 1.29 -2.72 -8.64
O2N NAP B . 0.84 -4.99 -7.46
O5D NAP B . -0.41 -2.98 -6.77
C5D NAP B . -0.61 -1.56 -6.69
C4D NAP B . 0.40 -0.92 -5.73
O4D NAP B . 0.22 -1.44 -4.41
C3D NAP B . 1.84 -1.28 -6.03
O3D NAP B . 2.37 -0.57 -7.18
C2D NAP B . 2.48 -0.95 -4.71
O2D NAP B . 2.50 0.49 -4.60
C1D NAP B . 1.47 -1.50 -3.72
N1N NAP B . 1.79 -2.88 -3.32
C2N NAP B . 2.23 -3.08 -2.07
C3N NAP B . 2.57 -4.33 -1.59
C7N NAP B . 3.05 -4.49 -0.17
O7N NAP B . 3.64 -5.50 0.17
N7N NAP B . 2.79 -3.51 0.72
C4N NAP B . 2.42 -5.44 -2.43
C5N NAP B . 1.97 -5.23 -3.74
C6N NAP B . 1.64 -3.94 -4.16
P2B NAP B . 0.84 -0.05 -16.55
O1X NAP B . 1.58 0.33 -15.29
O2X NAP B . 1.74 -0.58 -17.65
O3X NAP B . -0.09 1.04 -17.01
F15 64I C . 6.79 -8.40 -6.32
C8 64I C . 6.21 -9.34 -5.58
C10 64I C . 6.12 -10.63 -6.10
F14 64I C . 6.59 -10.87 -7.33
C12 64I C . 5.54 -11.63 -5.36
O13 64I C . 5.45 -12.90 -5.86
C11 64I C . 5.07 -11.34 -4.10
F17 64I C . 4.51 -12.30 -3.36
C9 64I C . 5.16 -10.05 -3.59
F16 64I C . 4.68 -9.79 -2.37
C7 64I C . 5.73 -9.03 -4.32
C2 64I C . 5.82 -7.65 -3.75
C4 64I C . 6.41 -7.44 -2.51
F22 64I C . 7.02 -8.40 -1.80
C1 64I C . 5.21 -6.58 -4.40
F18 64I C . 4.62 -6.67 -5.60
C3 64I C . 5.20 -5.33 -3.81
F19 64I C . 4.64 -4.27 -4.44
C5 64I C . 5.75 -5.13 -2.57
O20 64I C . 5.71 -3.90 -2.01
C6 64I C . 6.37 -6.19 -1.93
F21 64I C . 6.94 -6.02 -0.72
#